data_6LNR
#
_entry.id   6LNR
#
_cell.length_a   84.811
_cell.length_b   84.811
_cell.length_c   100.536
_cell.angle_alpha   90.000
_cell.angle_beta   90.000
_cell.angle_gamma   120.000
#
_symmetry.space_group_name_H-M   'P 32 2 1'
#
loop_
_entity.id
_entity.type
_entity.pdbx_description
1 polymer 'Class-1 chitinase'
2 branched 2-acetamido-2-deoxy-beta-D-glucopyranose-(1-4)-2-acetamido-2-deoxy-beta-D-glucopyranose-(1-4)-[2-acetamido-2-deoxy-beta-D-glucopyranose-(3-3)]2-acetamido-2-deoxy-beta-D-glucopyranose
3 branched 2-acetamido-2-deoxy-beta-D-glucopyranose-(1-4)-2-acetamido-2-deoxy-beta-D-glucopyranose
4 non-polymer 'CHLORIDE ION'
5 non-polymer 'MAGNESIUM ION'
6 water water
#
_entity_poly.entity_id   1
_entity_poly.type   'polypeptide(L)'
_entity_poly.pdbx_seq_one_letter_code
;EQCSAIVPCPGGRCCSQWGYCGNTPAYCCTGCQSNCEETVCGDCPPNSGSAGDGGENGKIISRDMFDELLKRRNDLDCPA
RCFYTYNDFIQAAKAFPAFGDTGNDVIRKREIAAFFAQTSHETTGGSPGGPYQKGYCFKEEVGPGGGYCGGGYPCPDPGQ
YYGRGPIQLTWNYNYIFCGDDINQDLDNHPNLNSVNGVLSFKSAIWFWMTPQSPKPSCHDVMTNEWAPGGADGNAGRDPG
FGLTTNIINGGLECGFGTDSRVQDRIGYFKHFCSNFGIDPGNNLDCYTQTPY
;
_entity_poly.pdbx_strand_id   A
#
# COMPACT_ATOMS: atom_id res chain seq x y z
N GLU A 1 -7.18 -5.06 25.89
CA GLU A 1 -7.83 -4.76 27.16
C GLU A 1 -9.04 -5.67 27.37
N GLN A 2 -9.78 -5.45 28.47
CA GLN A 2 -11.00 -6.18 28.72
C GLN A 2 -12.21 -5.36 28.35
N CYS A 3 -13.31 -6.06 28.13
CA CYS A 3 -14.49 -5.39 27.61
C CYS A 3 -15.69 -6.30 27.88
N SER A 4 -16.86 -5.76 27.59
CA SER A 4 -18.08 -6.58 27.63
C SER A 4 -19.12 -5.90 26.76
N ALA A 5 -20.30 -6.53 26.66
CA ALA A 5 -21.38 -5.91 25.92
C ALA A 5 -21.71 -4.55 26.47
N ILE A 6 -21.56 -4.36 27.80
CA ILE A 6 -21.87 -3.08 28.44
C ILE A 6 -20.64 -2.18 28.58
N VAL A 7 -19.43 -2.67 28.28
CA VAL A 7 -18.23 -1.81 28.23
C VAL A 7 -17.51 -2.08 26.93
N PRO A 8 -17.89 -1.43 25.83
CA PRO A 8 -17.22 -1.72 24.55
C PRO A 8 -15.73 -1.37 24.61
N CYS A 9 -14.99 -1.98 23.71
CA CYS A 9 -13.57 -1.69 23.57
C CYS A 9 -13.35 -0.19 23.37
N PRO A 10 -12.51 0.46 24.20
CA PRO A 10 -12.33 1.92 24.08
C PRO A 10 -11.85 2.34 22.70
N GLY A 11 -10.91 1.59 22.14
CA GLY A 11 -10.44 1.94 20.81
C GLY A 11 -11.25 1.35 19.67
N GLY A 12 -12.39 0.72 19.95
CA GLY A 12 -13.33 0.35 18.90
C GLY A 12 -13.15 -1.01 18.28
N ARG A 13 -12.37 -1.89 18.88
CA ARG A 13 -12.22 -3.23 18.33
C ARG A 13 -13.39 -4.11 18.73
N CYS A 14 -13.41 -5.32 18.18
CA CYS A 14 -14.40 -6.34 18.57
C CYS A 14 -14.17 -6.82 20.01
N CYS A 15 -15.28 -7.00 20.77
CA CYS A 15 -15.23 -7.59 22.10
C CYS A 15 -15.54 -9.09 22.03
N SER A 16 -14.54 -9.93 22.32
CA SER A 16 -14.73 -11.35 22.15
C SER A 16 -15.68 -11.93 23.21
N GLN A 17 -16.11 -13.17 22.96
CA GLN A 17 -16.94 -13.92 23.91
C GLN A 17 -16.32 -13.93 25.30
N TRP A 18 -15.00 -13.90 25.38
CA TRP A 18 -14.31 -13.97 26.65
C TRP A 18 -13.92 -12.61 27.18
N GLY A 19 -14.33 -11.53 26.51
CA GLY A 19 -14.19 -10.20 27.06
C GLY A 19 -12.87 -9.52 26.82
N TYR A 20 -12.22 -9.80 25.70
CA TYR A 20 -10.99 -9.16 25.30
C TYR A 20 -11.18 -8.50 23.95
N CYS A 21 -10.41 -7.45 23.72
CA CYS A 21 -10.48 -6.65 22.50
C CYS A 21 -9.52 -7.13 21.41
N GLY A 22 -10.01 -7.18 20.16
CA GLY A 22 -9.16 -7.60 19.05
C GLY A 22 -9.87 -7.50 17.72
N ASN A 23 -9.14 -7.86 16.65
CA ASN A 23 -9.62 -7.71 15.27
C ASN A 23 -9.25 -8.95 14.45
N THR A 24 -9.76 -10.10 14.86
CA THR A 24 -9.60 -11.38 14.19
C THR A 24 -10.97 -12.07 14.26
N PRO A 25 -11.20 -13.13 13.50
CA PRO A 25 -12.50 -13.80 13.63
C PRO A 25 -12.79 -14.30 15.03
N ALA A 26 -11.76 -14.64 15.79
CA ALA A 26 -12.02 -15.15 17.14
C ALA A 26 -12.66 -14.10 18.03
N TYR A 27 -12.32 -12.82 17.83
CA TYR A 27 -12.87 -11.71 18.57
C TYR A 27 -14.17 -11.21 17.96
N CYS A 28 -14.29 -11.34 16.64
CA CYS A 28 -15.29 -10.57 15.90
C CYS A 28 -16.51 -11.36 15.47
N CYS A 29 -16.43 -12.68 15.47
CA CYS A 29 -17.45 -13.52 14.84
C CYS A 29 -18.21 -14.32 15.91
N THR A 30 -18.07 -15.65 15.93
CA THR A 30 -18.82 -16.47 16.90
C THR A 30 -18.70 -15.94 18.33
N GLY A 31 -19.85 -15.67 18.96
CA GLY A 31 -19.86 -15.27 20.37
C GLY A 31 -19.45 -13.85 20.64
N CYS A 32 -19.13 -13.06 19.61
CA CYS A 32 -18.67 -11.69 19.84
C CYS A 32 -19.77 -10.93 20.57
N GLN A 33 -19.38 -10.05 21.49
CA GLN A 33 -20.31 -9.31 22.35
C GLN A 33 -20.51 -7.85 21.99
N SER A 34 -19.61 -7.23 21.21
CA SER A 34 -19.71 -5.80 20.95
C SER A 34 -18.89 -5.47 19.70
N ASN A 35 -19.37 -4.52 18.90
CA ASN A 35 -18.64 -3.98 17.74
C ASN A 35 -18.13 -5.13 16.87
N CYS A 36 -19.09 -5.98 16.43
CA CYS A 36 -18.72 -7.27 15.87
C CYS A 36 -18.53 -7.19 14.35
N GLU A 37 -17.93 -8.27 13.82
CA GLU A 37 -17.87 -8.57 12.38
C GLU A 37 -17.11 -7.49 11.64
N GLU A 38 -16.04 -6.96 12.28
CA GLU A 38 -15.23 -5.93 11.61
C GLU A 38 -14.19 -6.53 10.67
N THR A 39 -14.04 -7.84 10.68
CA THR A 39 -13.22 -8.59 9.72
C THR A 39 -14.08 -9.70 9.17
N VAL A 40 -13.62 -10.30 8.05
CA VAL A 40 -14.38 -11.39 7.43
C VAL A 40 -14.40 -12.62 8.34
N CYS A 41 -15.58 -13.24 8.46
CA CYS A 41 -15.73 -14.48 9.22
C CYS A 41 -15.72 -15.64 8.23
N GLY A 42 -14.77 -16.54 8.39
N GLY A 42 -14.76 -16.54 8.38
CA GLY A 42 -14.73 -17.74 7.55
CA GLY A 42 -14.73 -17.74 7.55
C GLY A 42 -13.84 -17.61 6.34
C GLY A 42 -13.81 -17.63 6.35
N ASP A 43 -14.04 -18.53 5.41
CA ASP A 43 -13.22 -18.58 4.21
C ASP A 43 -13.42 -17.36 3.32
N CYS A 44 -12.36 -16.92 2.64
CA CYS A 44 -12.58 -15.83 1.70
C CYS A 44 -13.49 -16.30 0.57
N PRO A 45 -14.22 -15.40 -0.06
CA PRO A 45 -15.03 -15.78 -1.25
C PRO A 45 -14.14 -16.40 -2.32
N PRO A 46 -14.71 -17.24 -3.18
CA PRO A 46 -13.89 -17.80 -4.27
C PRO A 46 -13.48 -16.68 -5.19
N ASN A 47 -12.34 -16.85 -5.89
CA ASN A 47 -11.91 -15.83 -6.85
C ASN A 47 -13.01 -15.51 -7.86
N SER A 48 -13.21 -14.22 -8.15
CA SER A 48 -14.15 -13.85 -9.24
C SER A 48 -13.65 -14.35 -10.60
N GLY A 49 -12.34 -14.38 -10.80
CA GLY A 49 -11.83 -14.71 -12.13
C GLY A 49 -12.07 -13.65 -13.20
N SER A 50 -12.51 -12.44 -12.84
CA SER A 50 -12.83 -11.46 -13.86
C SER A 50 -11.60 -11.00 -14.65
N ALA A 51 -10.39 -11.15 -14.09
CA ALA A 51 -9.16 -10.79 -14.82
C ALA A 51 -8.67 -11.91 -15.73
N GLY A 52 -9.25 -13.10 -15.59
CA GLY A 52 -8.73 -14.22 -16.38
C GLY A 52 -7.27 -14.50 -16.06
N ASP A 53 -6.45 -14.66 -17.13
CA ASP A 53 -5.03 -14.88 -16.93
C ASP A 53 -4.28 -13.59 -16.70
N GLY A 54 -4.98 -12.49 -16.55
CA GLY A 54 -4.33 -11.24 -16.27
C GLY A 54 -3.96 -10.41 -17.48
N GLY A 55 -4.09 -10.91 -18.71
CA GLY A 55 -3.88 -9.97 -19.79
C GLY A 55 -2.42 -9.59 -19.96
N GLU A 56 -2.22 -8.41 -20.51
CA GLU A 56 -0.87 -7.92 -20.79
C GLU A 56 0.01 -7.96 -19.55
N ASN A 57 -0.49 -7.41 -18.45
CA ASN A 57 0.32 -7.32 -17.22
C ASN A 57 0.50 -8.68 -16.59
N GLY A 58 -0.47 -9.59 -16.77
CA GLY A 58 -0.35 -10.94 -16.27
C GLY A 58 0.83 -11.71 -16.85
N LYS A 59 1.39 -11.25 -17.98
CA LYS A 59 2.62 -11.86 -18.49
C LYS A 59 3.83 -11.57 -17.59
N ILE A 60 3.76 -10.54 -16.76
CA ILE A 60 4.80 -10.20 -15.81
C ILE A 60 4.44 -10.70 -14.43
N ILE A 61 3.17 -10.54 -14.02
CA ILE A 61 2.76 -10.98 -12.67
C ILE A 61 1.46 -11.78 -12.83
N SER A 62 1.60 -13.11 -12.79
CA SER A 62 0.46 -13.99 -12.92
C SER A 62 -0.36 -13.99 -11.61
N ARG A 63 -1.52 -14.62 -11.64
CA ARG A 63 -2.32 -14.81 -10.42
C ARG A 63 -1.51 -15.53 -9.35
N ASP A 64 -0.86 -16.64 -9.73
CA ASP A 64 -0.03 -17.34 -8.77
C ASP A 64 1.12 -16.46 -8.24
N MET A 65 1.72 -15.62 -9.12
CA MET A 65 2.83 -14.81 -8.64
C MET A 65 2.35 -13.76 -7.64
N PHE A 66 1.18 -13.17 -7.93
CA PHE A 66 0.58 -12.20 -6.98
C PHE A 66 0.39 -12.85 -5.61
N ASP A 67 -0.15 -14.08 -5.60
CA ASP A 67 -0.41 -14.73 -4.32
C ASP A 67 0.85 -15.27 -3.65
N GLU A 68 1.96 -15.45 -4.39
CA GLU A 68 3.22 -15.80 -3.75
CA GLU A 68 3.25 -15.79 -3.82
C GLU A 68 3.86 -14.58 -3.11
N LEU A 69 3.84 -13.42 -3.81
CA LEU A 69 4.33 -12.18 -3.22
C LEU A 69 3.58 -11.89 -1.91
N LEU A 70 2.24 -11.93 -1.96
CA LEU A 70 1.40 -11.56 -0.83
C LEU A 70 0.87 -12.84 -0.15
N LYS A 71 1.82 -13.63 0.34
CA LYS A 71 1.52 -15.02 0.71
C LYS A 71 0.65 -15.09 1.96
N ARG A 72 0.93 -14.26 2.98
CA ARG A 72 0.27 -14.40 4.28
C ARG A 72 -0.80 -13.33 4.54
N ARG A 73 -1.17 -12.54 3.54
CA ARG A 73 -2.13 -11.43 3.79
C ARG A 73 -3.49 -11.90 4.28
N ASN A 74 -3.85 -13.14 4.01
CA ASN A 74 -5.17 -13.63 4.43
C ASN A 74 -5.07 -14.48 5.70
N ASP A 75 -3.97 -14.32 6.45
CA ASP A 75 -3.88 -14.91 7.80
C ASP A 75 -5.02 -14.36 8.66
N LEU A 76 -5.49 -15.18 9.60
CA LEU A 76 -6.64 -14.75 10.41
C LEU A 76 -6.35 -13.48 11.22
N ASP A 77 -5.09 -13.13 11.51
CA ASP A 77 -4.86 -11.91 12.25
C ASP A 77 -4.56 -10.68 11.38
N CYS A 78 -4.81 -10.77 10.06
CA CYS A 78 -4.76 -9.58 9.19
C CYS A 78 -6.18 -8.98 9.10
N PRO A 79 -6.40 -7.77 9.61
CA PRO A 79 -7.77 -7.21 9.55
C PRO A 79 -8.30 -7.03 8.13
N ALA A 80 -7.43 -6.87 7.12
CA ALA A 80 -7.88 -6.73 5.74
C ALA A 80 -8.08 -8.07 5.04
N ARG A 81 -8.05 -9.20 5.78
CA ARG A 81 -8.17 -10.49 5.11
C ARG A 81 -9.38 -10.52 4.20
N CYS A 82 -9.15 -11.06 3.01
CA CYS A 82 -10.04 -11.24 1.87
C CYS A 82 -10.24 -9.99 1.05
N PHE A 83 -9.68 -8.84 1.47
CA PHE A 83 -10.01 -7.58 0.78
C PHE A 83 -9.25 -7.45 -0.52
N TYR A 84 -8.00 -7.91 -0.55
CA TYR A 84 -7.10 -7.60 -1.67
C TYR A 84 -7.04 -8.79 -2.61
N THR A 85 -7.51 -8.58 -3.88
CA THR A 85 -7.52 -9.71 -4.83
C THR A 85 -6.79 -9.39 -6.12
N TYR A 86 -6.35 -10.49 -6.78
CA TYR A 86 -5.65 -10.34 -8.06
C TYR A 86 -6.58 -9.69 -9.08
N ASN A 87 -7.86 -10.07 -9.06
CA ASN A 87 -8.76 -9.57 -10.08
C ASN A 87 -8.93 -8.06 -9.95
N ASP A 88 -9.03 -7.57 -8.72
CA ASP A 88 -9.13 -6.11 -8.52
C ASP A 88 -7.82 -5.38 -8.89
N PHE A 89 -6.67 -5.99 -8.58
CA PHE A 89 -5.40 -5.39 -8.97
C PHE A 89 -5.27 -5.26 -10.48
N ILE A 90 -5.59 -6.31 -11.21
CA ILE A 90 -5.45 -6.22 -12.67
C ILE A 90 -6.45 -5.23 -13.25
N GLN A 91 -7.69 -5.18 -12.71
CA GLN A 91 -8.65 -4.20 -13.23
CA GLN A 91 -8.66 -4.20 -13.21
C GLN A 91 -8.18 -2.77 -12.97
N ALA A 92 -7.66 -2.51 -11.76
CA ALA A 92 -7.08 -1.21 -11.47
C ALA A 92 -5.94 -0.87 -12.41
N ALA A 93 -5.01 -1.84 -12.64
CA ALA A 93 -3.83 -1.54 -13.47
C ALA A 93 -4.23 -1.21 -14.90
N LYS A 94 -5.32 -1.81 -15.41
CA LYS A 94 -5.76 -1.53 -16.79
C LYS A 94 -6.08 -0.09 -17.03
N ALA A 95 -6.40 0.66 -15.95
CA ALA A 95 -6.63 2.10 -15.97
C ALA A 95 -5.34 2.95 -16.05
N PHE A 96 -4.18 2.34 -15.87
CA PHE A 96 -2.86 2.98 -15.96
C PHE A 96 -2.00 2.09 -16.86
N PRO A 97 -2.26 2.10 -18.17
CA PRO A 97 -1.68 1.08 -19.08
C PRO A 97 -0.16 1.02 -19.09
N ALA A 98 0.54 2.13 -18.82
CA ALA A 98 2.00 2.08 -18.80
C ALA A 98 2.55 1.31 -17.60
N PHE A 99 1.78 1.21 -16.52
CA PHE A 99 2.28 0.59 -15.28
C PHE A 99 2.62 -0.90 -15.49
N GLY A 100 3.89 -1.28 -15.25
CA GLY A 100 4.35 -2.65 -15.40
C GLY A 100 4.43 -3.10 -16.84
N ASP A 101 4.16 -2.19 -17.80
CA ASP A 101 4.14 -2.47 -19.23
C ASP A 101 5.09 -1.58 -20.01
N THR A 102 6.06 -0.97 -19.34
CA THR A 102 7.02 -0.03 -19.94
C THR A 102 8.43 -0.66 -19.88
N GLY A 103 9.08 -0.79 -21.03
CA GLY A 103 10.47 -1.25 -21.00
C GLY A 103 10.59 -2.74 -21.26
N ASN A 104 11.81 -3.23 -21.11
CA ASN A 104 12.05 -4.64 -21.32
C ASN A 104 11.53 -5.42 -20.09
N ASP A 105 11.52 -6.75 -20.20
CA ASP A 105 10.86 -7.53 -19.14
C ASP A 105 11.57 -7.39 -17.79
N VAL A 106 12.90 -7.18 -17.78
CA VAL A 106 13.60 -7.01 -16.51
C VAL A 106 13.10 -5.73 -15.82
N ILE A 107 12.96 -4.64 -16.57
CA ILE A 107 12.44 -3.37 -16.01
C ILE A 107 10.99 -3.54 -15.57
N ARG A 108 10.16 -4.26 -16.34
CA ARG A 108 8.73 -4.38 -15.95
C ARG A 108 8.65 -5.15 -14.63
N LYS A 109 9.41 -6.26 -14.54
CA LYS A 109 9.45 -7.02 -13.28
C LYS A 109 9.95 -6.16 -12.14
N ARG A 110 11.02 -5.36 -12.36
CA ARG A 110 11.54 -4.59 -11.23
C ARG A 110 10.57 -3.49 -10.83
N GLU A 111 9.84 -2.92 -11.80
CA GLU A 111 8.87 -1.91 -11.41
C GLU A 111 7.81 -2.54 -10.52
N ILE A 112 7.29 -3.71 -10.96
CA ILE A 112 6.23 -4.36 -10.18
C ILE A 112 6.77 -4.80 -8.81
N ALA A 113 7.97 -5.35 -8.74
CA ALA A 113 8.53 -5.69 -7.42
C ALA A 113 8.63 -4.46 -6.51
N ALA A 114 9.07 -3.33 -7.07
CA ALA A 114 9.23 -2.13 -6.25
C ALA A 114 7.88 -1.62 -5.78
N PHE A 115 6.89 -1.65 -6.67
CA PHE A 115 5.55 -1.22 -6.26
C PHE A 115 5.02 -2.07 -5.13
N PHE A 116 5.11 -3.40 -5.28
CA PHE A 116 4.58 -4.27 -4.22
C PHE A 116 5.42 -4.15 -2.95
N ALA A 117 6.73 -3.88 -3.06
CA ALA A 117 7.54 -3.71 -1.86
C ALA A 117 7.11 -2.46 -1.09
N GLN A 118 6.87 -1.35 -1.80
CA GLN A 118 6.55 -0.12 -1.08
C GLN A 118 5.15 -0.22 -0.46
N THR A 119 4.20 -0.79 -1.22
CA THR A 119 2.85 -0.95 -0.67
C THR A 119 2.80 -2.04 0.43
N SER A 120 3.60 -3.12 0.28
CA SER A 120 3.73 -4.10 1.39
C SER A 120 4.25 -3.43 2.64
N HIS A 121 5.23 -2.51 2.50
CA HIS A 121 5.72 -1.83 3.68
C HIS A 121 4.61 -0.98 4.33
N GLU A 122 3.85 -0.25 3.51
CA GLU A 122 2.83 0.64 4.06
C GLU A 122 1.77 -0.12 4.85
N THR A 123 1.53 -1.37 4.47
CA THR A 123 0.45 -2.20 5.00
C THR A 123 0.98 -3.42 5.74
N THR A 124 2.20 -3.33 6.29
CA THR A 124 2.90 -4.53 6.75
C THR A 124 2.29 -5.12 8.04
N GLY A 125 2.22 -6.45 8.07
CA GLY A 125 1.80 -7.17 9.29
C GLY A 125 2.95 -8.05 9.77
N GLY A 126 4.11 -7.84 9.16
CA GLY A 126 5.31 -8.59 9.51
C GLY A 126 6.11 -7.94 10.65
N SER A 127 7.25 -8.60 11.02
CA SER A 127 8.12 -8.14 12.10
C SER A 127 9.38 -7.46 11.58
N PRO A 128 9.86 -6.41 12.25
CA PRO A 128 11.12 -5.78 11.86
C PRO A 128 12.26 -6.79 11.67
N GLY A 129 12.94 -6.67 10.54
CA GLY A 129 13.97 -7.59 10.11
C GLY A 129 13.48 -8.76 9.29
N GLY A 130 12.15 -8.85 9.01
CA GLY A 130 11.62 -9.94 8.22
C GLY A 130 11.17 -11.15 9.06
N PRO A 131 10.73 -12.22 8.37
CA PRO A 131 10.73 -12.25 6.90
C PRO A 131 9.60 -11.36 6.25
N TYR A 132 9.42 -11.52 4.95
CA TYR A 132 8.74 -10.47 4.14
C TYR A 132 7.54 -11.02 3.37
N GLN A 133 6.82 -11.98 3.97
CA GLN A 133 5.63 -12.57 3.34
C GLN A 133 4.30 -11.99 3.80
N LYS A 134 4.28 -11.01 4.71
CA LYS A 134 3.00 -10.54 5.27
C LYS A 134 2.76 -9.06 4.97
N GLY A 135 3.06 -8.66 3.73
CA GLY A 135 2.53 -7.40 3.23
C GLY A 135 1.02 -7.43 3.10
N TYR A 136 0.41 -6.24 3.02
CA TYR A 136 -1.04 -6.14 2.66
C TYR A 136 -1.94 -6.74 3.76
N CYS A 137 -1.46 -6.64 5.01
CA CYS A 137 -2.18 -7.18 6.15
C CYS A 137 -3.31 -6.25 6.60
N PHE A 138 -3.15 -4.95 6.37
CA PHE A 138 -4.03 -3.87 6.79
CA PHE A 138 -4.25 -4.07 6.73
C PHE A 138 -4.55 -3.11 5.58
N LYS A 139 -5.69 -2.38 5.76
CA LYS A 139 -6.19 -1.48 4.72
C LYS A 139 -6.55 -0.10 5.27
N GLU A 140 -6.56 0.11 6.56
CA GLU A 140 -6.81 1.43 7.15
C GLU A 140 -5.77 1.73 8.21
N GLU A 141 -5.31 2.97 8.29
CA GLU A 141 -4.42 3.41 9.39
C GLU A 141 -4.99 3.06 10.77
N VAL A 142 -4.14 2.46 11.62
CA VAL A 142 -4.65 1.78 12.82
C VAL A 142 -5.12 2.78 13.86
N GLY A 143 -4.36 3.84 14.09
CA GLY A 143 -4.79 4.79 15.06
C GLY A 143 -4.91 6.12 14.37
N PRO A 144 -6.06 6.37 13.73
CA PRO A 144 -6.20 7.64 13.00
C PRO A 144 -6.18 8.76 14.02
N GLY A 145 -5.19 9.64 13.90
CA GLY A 145 -4.99 10.68 14.90
C GLY A 145 -5.28 12.07 14.39
N GLY A 146 -4.22 12.76 13.95
CA GLY A 146 -4.37 14.16 13.59
C GLY A 146 -5.33 14.36 12.44
N GLY A 147 -5.97 15.53 12.42
CA GLY A 147 -6.61 15.99 11.21
C GLY A 147 -5.58 15.85 10.10
N TYR A 148 -6.00 15.37 8.92
CA TYR A 148 -5.02 15.20 7.86
C TYR A 148 -5.39 16.13 6.71
N CYS A 149 -5.42 17.43 6.98
CA CYS A 149 -5.96 18.39 6.03
C CYS A 149 -4.97 19.53 5.86
N GLY A 150 -4.38 19.65 4.66
CA GLY A 150 -3.62 20.84 4.26
C GLY A 150 -4.59 21.98 4.00
N GLY A 151 -4.38 23.13 4.66
CA GLY A 151 -5.43 24.15 4.74
C GLY A 151 -5.76 24.82 3.41
N GLY A 152 -4.87 24.73 2.42
CA GLY A 152 -5.14 25.20 1.05
C GLY A 152 -6.39 24.63 0.36
N TYR A 153 -6.96 23.51 0.86
CA TYR A 153 -7.95 22.76 0.08
C TYR A 153 -9.24 22.51 0.83
N PRO A 154 -10.33 22.22 0.14
CA PRO A 154 -11.57 21.87 0.84
C PRO A 154 -11.34 20.69 1.80
N CYS A 155 -12.10 20.68 2.92
CA CYS A 155 -11.95 19.69 4.00
C CYS A 155 -13.30 19.42 4.63
N PRO A 156 -14.24 18.85 3.86
CA PRO A 156 -15.54 18.58 4.46
C PRO A 156 -15.48 17.58 5.61
N ASP A 157 -14.42 16.76 5.72
CA ASP A 157 -14.34 15.63 6.66
C ASP A 157 -12.99 15.63 7.36
N PRO A 158 -12.73 16.57 8.28
CA PRO A 158 -11.32 16.76 8.73
C PRO A 158 -10.64 15.53 9.37
N GLY A 159 -11.38 14.60 9.93
CA GLY A 159 -10.77 13.40 10.50
C GLY A 159 -10.73 12.16 9.62
N GLN A 160 -11.06 12.29 8.33
CA GLN A 160 -11.34 11.13 7.51
C GLN A 160 -10.30 10.88 6.41
N TYR A 161 -9.23 11.68 6.29
CA TYR A 161 -8.20 11.50 5.24
C TYR A 161 -6.96 10.79 5.76
N TYR A 162 -7.16 9.85 6.70
CA TYR A 162 -6.06 9.00 7.17
C TYR A 162 -5.76 7.91 6.16
N GLY A 163 -4.67 7.17 6.41
CA GLY A 163 -4.18 6.24 5.40
C GLY A 163 -5.17 5.15 5.01
N ARG A 164 -5.39 4.93 3.69
CA ARG A 164 -6.21 3.83 3.23
C ARG A 164 -5.59 3.13 2.02
N GLY A 165 -5.83 1.81 1.92
CA GLY A 165 -5.41 1.01 0.75
C GLY A 165 -3.91 0.74 0.71
N PRO A 166 -3.44 0.19 -0.41
CA PRO A 166 -2.04 -0.33 -0.44
C PRO A 166 -0.98 0.73 -0.23
N ILE A 167 -1.16 1.99 -0.68
CA ILE A 167 -0.11 2.98 -0.45
C ILE A 167 -0.41 3.81 0.79
N GLN A 168 -1.50 3.48 1.52
CA GLN A 168 -1.93 4.25 2.71
C GLN A 168 -2.04 5.73 2.36
N LEU A 169 -2.85 5.98 1.32
CA LEU A 169 -3.05 7.33 0.81
C LEU A 169 -3.59 8.19 1.94
N THR A 170 -2.95 9.34 2.13
CA THR A 170 -3.24 10.24 3.24
C THR A 170 -3.27 11.67 2.72
N TRP A 171 -4.07 12.51 3.40
CA TRP A 171 -4.20 13.99 3.28
C TRP A 171 -5.31 14.40 2.31
N ASN A 172 -6.07 15.44 2.67
CA ASN A 172 -7.13 15.92 1.78
C ASN A 172 -6.63 16.15 0.34
N TYR A 173 -5.46 16.77 0.12
CA TYR A 173 -4.99 17.07 -1.24
CA TYR A 173 -5.08 17.08 -1.24
C TYR A 173 -4.81 15.81 -2.06
N ASN A 174 -4.36 14.71 -1.43
CA ASN A 174 -4.17 13.50 -2.23
C ASN A 174 -5.50 12.85 -2.57
N TYR A 175 -6.47 12.94 -1.66
CA TYR A 175 -7.80 12.43 -2.00
C TYR A 175 -8.45 13.27 -3.11
N ILE A 176 -8.21 14.61 -3.11
CA ILE A 176 -8.70 15.48 -4.20
C ILE A 176 -8.06 15.09 -5.53
N PHE A 177 -6.74 15.00 -5.56
CA PHE A 177 -6.11 14.78 -6.86
C PHE A 177 -6.37 13.37 -7.37
N CYS A 178 -6.25 12.37 -6.47
CA CYS A 178 -6.51 10.99 -6.88
C CYS A 178 -7.94 10.84 -7.37
N GLY A 179 -8.91 11.36 -6.58
CA GLY A 179 -10.31 11.23 -6.98
C GLY A 179 -10.56 11.90 -8.33
N ASP A 180 -9.96 13.06 -8.52
CA ASP A 180 -10.12 13.70 -9.83
C ASP A 180 -9.64 12.81 -10.97
N ASP A 181 -8.43 12.24 -10.86
CA ASP A 181 -7.90 11.46 -11.97
C ASP A 181 -8.58 10.11 -12.14
N ILE A 182 -9.25 9.54 -11.12
CA ILE A 182 -9.91 8.24 -11.29
C ILE A 182 -11.44 8.37 -11.32
N ASN A 183 -11.97 9.61 -11.37
CA ASN A 183 -13.41 9.89 -11.54
C ASN A 183 -14.23 9.37 -10.34
N GLN A 184 -13.73 9.65 -9.16
CA GLN A 184 -14.41 9.35 -7.90
C GLN A 184 -14.35 10.52 -6.95
N ASP A 185 -15.45 10.73 -6.22
CA ASP A 185 -15.43 11.82 -5.24
C ASP A 185 -14.88 11.29 -3.93
N LEU A 186 -13.55 11.13 -3.89
CA LEU A 186 -12.92 10.67 -2.67
C LEU A 186 -12.86 11.72 -1.58
N ASP A 187 -12.92 13.02 -1.92
CA ASP A 187 -12.93 14.07 -0.90
C ASP A 187 -14.16 13.92 -0.01
N ASN A 188 -15.31 13.66 -0.60
CA ASN A 188 -16.56 13.53 0.16
C ASN A 188 -16.84 12.09 0.57
N HIS A 189 -16.21 11.09 -0.09
CA HIS A 189 -16.47 9.67 0.22
C HIS A 189 -15.12 8.94 0.33
N PRO A 190 -14.29 9.36 1.27
CA PRO A 190 -12.92 8.81 1.34
C PRO A 190 -12.92 7.34 1.73
N ASN A 191 -13.99 6.83 2.35
CA ASN A 191 -13.98 5.39 2.68
C ASN A 191 -14.09 4.47 1.49
N LEU A 192 -14.43 4.96 0.29
CA LEU A 192 -14.35 4.12 -0.90
C LEU A 192 -12.99 3.42 -0.99
N ASN A 193 -11.91 4.05 -0.50
CA ASN A 193 -10.57 3.41 -0.66
C ASN A 193 -10.36 2.25 0.32
N SER A 194 -11.25 2.08 1.32
CA SER A 194 -11.13 0.89 2.17
C SER A 194 -12.35 0.00 2.09
N VAL A 195 -13.34 0.33 1.26
CA VAL A 195 -14.48 -0.58 1.03
C VAL A 195 -14.55 -1.16 -0.37
N ASN A 196 -13.81 -0.61 -1.36
CA ASN A 196 -13.88 -1.10 -2.72
C ASN A 196 -12.46 -1.45 -3.16
N GLY A 197 -12.21 -2.75 -3.42
CA GLY A 197 -10.85 -3.21 -3.67
C GLY A 197 -10.25 -2.63 -4.94
N VAL A 198 -11.08 -2.47 -5.99
CA VAL A 198 -10.54 -1.93 -7.25
C VAL A 198 -10.13 -0.49 -7.05
N LEU A 199 -11.00 0.30 -6.39
CA LEU A 199 -10.64 1.70 -6.14
C LEU A 199 -9.43 1.81 -5.21
N SER A 200 -9.37 0.92 -4.21
CA SER A 200 -8.20 0.89 -3.34
C SER A 200 -6.89 0.70 -4.14
N PHE A 201 -6.85 -0.32 -5.01
CA PHE A 201 -5.64 -0.50 -5.84
C PHE A 201 -5.44 0.65 -6.78
N LYS A 202 -6.52 1.22 -7.34
CA LYS A 202 -6.33 2.38 -8.24
C LYS A 202 -5.64 3.52 -7.49
N SER A 203 -5.97 3.72 -6.22
CA SER A 203 -5.37 4.87 -5.52
C SER A 203 -3.87 4.71 -5.37
N ALA A 204 -3.44 3.46 -5.15
CA ALA A 204 -2.01 3.18 -4.94
C ALA A 204 -1.26 3.31 -6.28
N ILE A 205 -1.84 2.76 -7.36
CA ILE A 205 -1.19 2.88 -8.68
C ILE A 205 -1.20 4.34 -9.14
N TRP A 206 -2.30 5.08 -8.87
CA TRP A 206 -2.30 6.51 -9.13
C TRP A 206 -1.12 7.21 -8.49
N PHE A 207 -0.91 6.97 -7.18
CA PHE A 207 0.18 7.68 -6.54
C PHE A 207 1.51 7.34 -7.20
N TRP A 208 1.70 6.07 -7.50
CA TRP A 208 2.93 5.54 -8.10
C TRP A 208 3.21 6.14 -9.46
N MET A 209 2.15 6.39 -10.24
CA MET A 209 2.26 6.90 -11.61
C MET A 209 2.31 8.42 -11.73
N THR A 210 2.02 9.19 -10.68
CA THR A 210 1.75 10.63 -10.88
C THR A 210 2.90 11.50 -10.37
N PRO A 211 3.60 12.23 -11.25
CA PRO A 211 4.56 13.25 -10.78
C PRO A 211 3.86 14.33 -10.00
N GLN A 212 4.51 14.84 -8.97
CA GLN A 212 3.99 16.00 -8.21
C GLN A 212 5.20 16.87 -7.94
N SER A 213 5.42 17.84 -8.83
CA SER A 213 6.66 18.63 -8.81
C SER A 213 6.92 19.17 -7.39
N PRO A 214 8.15 19.02 -6.86
CA PRO A 214 9.37 18.63 -7.56
C PRO A 214 9.61 17.12 -7.69
N LYS A 215 8.74 16.33 -7.12
CA LYS A 215 8.93 14.87 -7.18
C LYS A 215 8.60 14.33 -8.57
N PRO A 216 9.47 13.51 -9.17
CA PRO A 216 9.06 12.73 -10.33
C PRO A 216 8.14 11.59 -9.87
N SER A 217 7.56 10.89 -10.82
CA SER A 217 6.79 9.69 -10.46
C SER A 217 7.72 8.54 -10.08
N CYS A 218 7.26 7.69 -9.16
CA CYS A 218 8.01 6.46 -8.88
C CYS A 218 8.16 5.63 -10.14
N HIS A 219 7.09 5.59 -10.98
CA HIS A 219 7.14 4.90 -12.27
C HIS A 219 8.32 5.34 -13.11
N ASP A 220 8.47 6.64 -13.34
CA ASP A 220 9.53 7.09 -14.26
C ASP A 220 10.91 6.80 -13.65
N VAL A 221 11.02 6.89 -12.34
CA VAL A 221 12.31 6.53 -11.74
C VAL A 221 12.66 5.06 -12.02
N MET A 222 11.72 4.15 -11.70
CA MET A 222 12.08 2.75 -11.83
C MET A 222 12.18 2.25 -13.26
N THR A 223 11.54 2.90 -14.25
CA THR A 223 11.64 2.43 -15.64
C THR A 223 12.71 3.19 -16.45
N ASN A 224 13.66 3.86 -15.77
CA ASN A 224 14.79 4.52 -16.44
C ASN A 224 14.30 5.61 -17.38
N GLU A 225 13.30 6.38 -16.90
CA GLU A 225 12.79 7.55 -17.61
C GLU A 225 12.96 8.83 -16.81
N TRP A 226 13.87 8.83 -15.84
CA TRP A 226 14.19 10.03 -15.06
C TRP A 226 15.70 10.25 -15.09
N ALA A 227 16.13 11.52 -15.04
CA ALA A 227 17.57 11.86 -15.02
C ALA A 227 17.72 13.02 -14.04
N PRO A 228 18.71 12.96 -13.15
CA PRO A 228 18.82 13.96 -12.06
C PRO A 228 19.01 15.38 -12.58
N GLY A 229 18.06 16.26 -12.22
CA GLY A 229 18.05 17.64 -12.68
C GLY A 229 18.71 18.58 -11.71
N GLY A 230 20.04 18.51 -11.64
CA GLY A 230 20.85 19.66 -11.19
C GLY A 230 20.91 19.89 -9.69
N ALA A 231 19.85 20.50 -9.13
CA ALA A 231 19.68 20.40 -7.69
C ALA A 231 19.75 18.94 -7.24
N ASP A 232 19.32 17.98 -8.09
CA ASP A 232 19.23 16.58 -7.69
C ASP A 232 20.59 15.98 -7.41
N GLY A 233 21.58 16.25 -8.27
CA GLY A 233 22.88 15.63 -8.03
C GLY A 233 23.46 16.07 -6.70
N ASN A 234 23.31 17.33 -6.38
CA ASN A 234 23.96 17.71 -5.14
C ASN A 234 23.05 17.53 -3.93
N ALA A 235 21.75 17.23 -4.14
CA ALA A 235 20.94 16.63 -3.09
C ALA A 235 21.16 15.12 -2.96
N GLY A 236 22.03 14.53 -3.76
CA GLY A 236 22.27 13.13 -3.52
C GLY A 236 21.21 12.21 -4.09
N ARG A 237 20.32 12.73 -4.95
CA ARG A 237 19.20 11.93 -5.47
CA ARG A 237 19.19 11.94 -5.49
C ARG A 237 19.61 11.22 -6.75
N ASP A 238 19.87 9.91 -6.64
CA ASP A 238 20.34 9.06 -7.70
C ASP A 238 19.19 8.10 -8.10
N PRO A 239 19.11 7.66 -9.35
CA PRO A 239 17.96 6.81 -9.76
C PRO A 239 18.03 5.43 -9.10
N GLY A 240 16.91 5.01 -8.52
CA GLY A 240 16.83 3.66 -8.01
C GLY A 240 15.69 3.55 -7.00
N PHE A 241 15.65 2.42 -6.29
CA PHE A 241 14.59 2.20 -5.34
C PHE A 241 14.58 3.24 -4.22
N GLY A 242 15.78 3.68 -3.75
CA GLY A 242 15.82 4.65 -2.66
C GLY A 242 15.07 5.94 -2.97
N LEU A 243 15.13 6.38 -4.22
CA LEU A 243 14.44 7.62 -4.60
C LEU A 243 12.93 7.44 -4.54
N THR A 244 12.43 6.21 -4.78
CA THR A 244 10.98 6.03 -4.56
C THR A 244 10.59 6.11 -3.08
N THR A 245 11.47 5.67 -2.14
CA THR A 245 11.19 5.91 -0.74
C THR A 245 11.16 7.41 -0.44
N ASN A 246 12.09 8.17 -1.06
CA ASN A 246 12.11 9.63 -0.84
C ASN A 246 10.81 10.26 -1.34
N ILE A 247 10.33 9.83 -2.50
CA ILE A 247 9.07 10.35 -3.07
C ILE A 247 7.88 10.04 -2.15
N ILE A 248 7.86 8.84 -1.56
CA ILE A 248 6.73 8.41 -0.76
C ILE A 248 6.73 9.05 0.63
N ASN A 249 7.89 9.07 1.32
CA ASN A 249 7.92 9.56 2.69
C ASN A 249 9.29 10.13 3.09
N GLY A 250 9.99 10.75 2.14
CA GLY A 250 11.37 11.17 2.40
C GLY A 250 11.51 12.24 3.48
N GLY A 251 10.50 13.09 3.66
CA GLY A 251 10.61 14.10 4.71
C GLY A 251 10.83 13.52 6.10
N LEU A 252 10.30 12.34 6.37
CA LEU A 252 10.50 11.65 7.64
C LEU A 252 11.58 10.56 7.62
N GLU A 253 11.93 10.00 6.45
CA GLU A 253 12.76 8.79 6.42
C GLU A 253 14.14 8.95 5.82
N CYS A 254 14.43 10.03 5.05
CA CYS A 254 15.60 10.10 4.20
C CYS A 254 16.58 11.16 4.72
N GLY A 255 17.87 10.89 4.47
CA GLY A 255 18.93 11.86 4.59
C GLY A 255 19.65 11.83 5.93
N PHE A 256 19.34 10.86 6.81
CA PHE A 256 19.96 10.88 8.14
C PHE A 256 20.51 9.52 8.53
N GLY A 257 20.89 8.70 7.56
CA GLY A 257 21.52 7.42 7.89
C GLY A 257 20.49 6.31 8.07
N THR A 258 21.00 5.16 8.49
CA THR A 258 20.19 3.95 8.61
C THR A 258 18.90 4.20 9.37
N ASP A 259 17.77 3.69 8.81
CA ASP A 259 16.48 3.90 9.44
C ASP A 259 15.65 2.63 9.27
N SER A 260 14.95 2.23 10.34
CA SER A 260 14.28 0.91 10.32
C SER A 260 13.15 0.85 9.29
N ARG A 261 12.45 1.97 9.08
CA ARG A 261 11.42 1.96 8.03
C ARG A 261 12.03 1.74 6.66
N VAL A 262 13.13 2.46 6.36
CA VAL A 262 13.77 2.33 5.05
C VAL A 262 14.27 0.90 4.89
N GLN A 263 14.85 0.34 5.97
CA GLN A 263 15.37 -1.01 5.84
C GLN A 263 14.25 -2.01 5.56
N ASP A 264 13.07 -1.76 6.10
CA ASP A 264 11.95 -2.66 5.87
C ASP A 264 11.49 -2.57 4.42
N ARG A 265 11.46 -1.34 3.84
CA ARG A 265 11.11 -1.20 2.43
C ARG A 265 12.10 -1.96 1.54
N ILE A 266 13.40 -1.78 1.84
CA ILE A 266 14.43 -2.50 1.08
C ILE A 266 14.31 -4.02 1.25
N GLY A 267 13.99 -4.47 2.48
CA GLY A 267 13.82 -5.91 2.73
C GLY A 267 12.71 -6.53 1.90
N TYR A 268 11.55 -5.88 1.85
CA TYR A 268 10.51 -6.37 0.94
C TYR A 268 10.99 -6.36 -0.51
N PHE A 269 11.70 -5.30 -0.91
CA PHE A 269 12.12 -5.20 -2.31
C PHE A 269 13.09 -6.32 -2.67
N LYS A 270 14.08 -6.58 -1.83
CA LYS A 270 15.01 -7.68 -2.17
C LYS A 270 14.30 -9.02 -2.20
N HIS A 271 13.41 -9.28 -1.25
CA HIS A 271 12.65 -10.52 -1.27
C HIS A 271 11.85 -10.65 -2.57
N PHE A 272 11.12 -9.59 -2.97
CA PHE A 272 10.33 -9.73 -4.18
C PHE A 272 11.22 -9.85 -5.43
N CYS A 273 12.38 -9.16 -5.43
CA CYS A 273 13.29 -9.33 -6.56
C CYS A 273 13.78 -10.78 -6.67
N SER A 274 14.08 -11.44 -5.53
CA SER A 274 14.47 -12.85 -5.58
C SER A 274 13.34 -13.71 -6.18
N ASN A 275 12.08 -13.45 -5.77
CA ASN A 275 10.96 -14.25 -6.30
C ASN A 275 10.85 -14.05 -7.83
N PHE A 276 11.04 -12.81 -8.31
CA PHE A 276 10.95 -12.48 -9.75
C PHE A 276 12.19 -12.90 -10.56
N GLY A 277 13.27 -13.26 -9.87
CA GLY A 277 14.48 -13.70 -10.54
C GLY A 277 15.25 -12.57 -11.17
N ILE A 278 15.22 -11.37 -10.55
CA ILE A 278 15.91 -10.19 -11.08
C ILE A 278 16.80 -9.56 -10.01
N ASP A 279 17.69 -8.67 -10.50
CA ASP A 279 18.51 -7.94 -9.50
C ASP A 279 17.81 -6.65 -9.05
N PRO A 280 17.96 -6.26 -7.79
CA PRO A 280 17.29 -5.02 -7.30
C PRO A 280 17.82 -3.75 -7.98
N GLY A 281 18.99 -3.83 -8.57
CA GLY A 281 19.56 -2.62 -9.17
C GLY A 281 20.26 -1.76 -8.13
N ASN A 282 20.51 -0.52 -8.53
CA ASN A 282 21.39 0.37 -7.75
C ASN A 282 20.64 1.34 -6.84
N ASN A 283 21.39 1.97 -5.91
CA ASN A 283 20.89 3.13 -5.12
C ASN A 283 19.62 2.75 -4.35
N LEU A 284 19.74 1.69 -3.50
CA LEU A 284 18.55 1.15 -2.83
C LEU A 284 18.07 1.96 -1.64
N ASP A 285 18.97 2.75 -1.00
CA ASP A 285 18.56 3.54 0.15
C ASP A 285 18.54 5.03 -0.19
N CYS A 286 18.00 5.82 0.74
CA CYS A 286 17.96 7.30 0.63
C CYS A 286 18.67 7.95 1.81
N TYR A 287 19.65 7.25 2.38
CA TYR A 287 20.30 7.69 3.62
C TYR A 287 21.12 8.96 3.44
N THR A 288 21.56 9.26 2.24
CA THR A 288 22.31 10.50 1.97
C THR A 288 21.62 11.37 0.90
N GLN A 289 20.33 11.14 0.69
CA GLN A 289 19.49 11.96 -0.15
C GLN A 289 18.82 13.03 0.72
N THR A 290 18.84 14.27 0.24
CA THR A 290 17.99 15.28 0.83
C THR A 290 16.52 15.04 0.44
N PRO A 291 15.61 15.17 1.39
CA PRO A 291 14.18 15.03 1.09
C PRO A 291 13.70 16.12 0.16
N TYR A 292 12.60 15.83 -0.55
CA TYR A 292 12.01 16.79 -1.49
C TYR A 292 11.25 17.97 -0.80
#